data_4GFR
#
_entry.id   4GFR
#
_cell.length_a   60.469
_cell.length_b   86.809
_cell.length_c   95.854
_cell.angle_alpha   90.00
_cell.angle_beta   90.00
_cell.angle_gamma   90.00
#
_symmetry.space_group_name_H-M   'P 21 21 21'
#
loop_
_entity.id
_entity.type
_entity.pdbx_description
1 polymer 'Peptide ABC transporter, periplasmic peptide-binding protein'
2 branched 2-acetamido-2-deoxy-beta-D-glucopyranose-(1-4)-2-acetamido-2-deoxy-beta-D-glucopyranose
3 non-polymer 'MANGANESE (II) ION'
4 water water
#
_entity_poly.entity_id   1
_entity_poly.type   'polypeptide(L)'
_entity_poly.pdbx_seq_one_letter_code
;RSELTIVPDFYPTMVRNFNPYLATNLRTTTDFIYEPLVVFNEMKGNTPVFRLAESYKMADDLMSVTFDIRKGVKWSDGEA
FTADDVVYSFGLLKAKPELDQRGINKWVTSVEKVDEYKVRFRLSEANSNVPYEISLIPIVAEHVWKDVKDPTTFTNENPV
GTGPFTVIDTFTPQLYIQCRNPNYWDAANLEVDCLRVPQIANNDQLLGKIVNSELDWTSSFVPDIDRTYAAANPNHHYWY
PAAGTQAFMVNFKNPDPAKKEALDNVDFRRAFSMALDRQTIIDIAFYGSGTVNDFASGLGYAFEAWSDEATHKKYKGFNT
YDVEGSKKLLAKAGFKDVNGDGFVETPSGKSFELLIQSPNGWTDFNNTVQLAVEQLQEVGIKAKARTPEFAVYNQAMLEG
TYDVAYTNYFHGADPFTYWNSGYNSALQSGDGMPRFAMHYFTDKKLDGLLDSFYKTADKNEQLAIAHGIQKIIAENQVTI
PVMSGAWMYQYNTTRFTGWWSEENPKGRPSVWAGIPERLLHVLDLKPVK
;
_entity_poly.pdbx_strand_id   A
#
loop_
_chem_comp.id
_chem_comp.type
_chem_comp.name
_chem_comp.formula
MN non-polymer 'MANGANESE (II) ION' 'Mn 2'
NAG D-saccharide, beta linking 2-acetamido-2-deoxy-beta-D-glucopyranose 'C8 H15 N O6'
#
# COMPACT_ATOMS: atom_id res chain seq x y z
N ARG A 1 -0.40 22.83 -24.93
CA ARG A 1 -0.57 21.44 -24.44
C ARG A 1 -0.62 21.45 -22.91
N SER A 2 -1.69 20.91 -22.34
CA SER A 2 -1.81 20.88 -20.88
C SER A 2 -1.02 19.71 -20.29
N GLU A 3 0.02 20.03 -19.52
CA GLU A 3 0.86 19.02 -18.90
C GLU A 3 0.68 19.05 -17.39
N LEU A 4 0.32 17.91 -16.81
CA LEU A 4 0.12 17.81 -15.36
C LEU A 4 1.37 17.19 -14.72
N THR A 5 2.10 18.01 -13.96
CA THR A 5 3.31 17.53 -13.30
C THR A 5 2.89 16.75 -12.05
N ILE A 6 3.26 15.47 -12.03
CA ILE A 6 2.90 14.58 -10.94
C ILE A 6 4.10 13.80 -10.39
N VAL A 7 4.00 13.38 -9.13
CA VAL A 7 5.06 12.64 -8.47
C VAL A 7 4.52 11.44 -7.69
N PRO A 8 4.17 10.36 -8.40
CA PRO A 8 3.65 9.18 -7.70
C PRO A 8 4.74 8.41 -6.96
N ASP A 9 6.00 8.69 -7.30
CA ASP A 9 7.11 8.02 -6.62
C ASP A 9 8.48 8.65 -6.93
N PHE A 10 9.44 8.42 -6.04
CA PHE A 10 10.79 8.94 -6.20
C PHE A 10 11.67 7.92 -6.91
N TYR A 11 12.74 8.39 -7.54
CA TYR A 11 13.68 7.52 -8.25
C TYR A 11 15.03 8.23 -8.28
N PRO A 12 16.14 7.48 -8.28
CA PRO A 12 17.43 8.18 -8.35
C PRO A 12 17.59 8.65 -9.79
N THR A 13 17.07 7.84 -10.72
CA THR A 13 17.09 8.15 -12.14
C THR A 13 15.89 7.48 -12.82
N MET A 14 15.54 7.95 -14.01
CA MET A 14 14.40 7.39 -14.73
C MET A 14 14.82 6.21 -15.59
N VAL A 15 14.31 5.03 -15.26
CA VAL A 15 14.62 3.82 -16.01
C VAL A 15 13.36 3.29 -16.69
N ARG A 16 13.34 3.37 -18.01
CA ARG A 16 12.19 2.96 -18.82
C ARG A 16 11.74 1.52 -18.62
N ASN A 17 10.64 1.35 -17.89
CA ASN A 17 10.08 0.05 -17.58
C ASN A 17 8.59 0.24 -17.32
N PHE A 18 7.76 -0.20 -18.27
CA PHE A 18 6.32 -0.05 -18.16
C PHE A 18 5.57 -1.38 -17.99
N ASN A 19 6.24 -2.37 -17.41
CA ASN A 19 5.66 -3.68 -17.19
C ASN A 19 4.83 -3.57 -15.92
N PRO A 20 3.50 -3.64 -16.03
CA PRO A 20 2.59 -3.52 -14.89
C PRO A 20 2.75 -4.58 -13.82
N TYR A 21 3.44 -5.67 -14.17
CA TYR A 21 3.62 -6.77 -13.22
C TYR A 21 4.97 -6.79 -12.51
N LEU A 22 5.81 -5.79 -12.77
CA LEU A 22 7.14 -5.76 -12.14
C LEU A 22 7.30 -4.65 -11.11
N ALA A 23 7.92 -4.99 -9.99
CA ALA A 23 8.14 -4.02 -8.92
C ALA A 23 9.12 -2.93 -9.34
N THR A 24 9.80 -3.15 -10.46
CA THR A 24 10.79 -2.19 -10.96
C THR A 24 10.24 -1.22 -12.01
N ASN A 25 8.93 -1.24 -12.21
CA ASN A 25 8.35 -0.38 -13.23
C ASN A 25 8.17 1.08 -12.83
N LEU A 26 7.70 1.91 -13.74
CA LEU A 26 7.46 3.29 -13.42
C LEU A 26 6.04 3.32 -12.87
N ARG A 27 5.87 4.08 -11.79
CA ARG A 27 4.58 4.18 -11.15
C ARG A 27 3.44 4.95 -11.83
N THR A 28 3.55 5.05 -13.14
CA THR A 28 2.50 5.69 -13.95
C THR A 28 2.01 4.65 -14.97
N THR A 29 2.30 3.38 -14.70
CA THR A 29 1.91 2.28 -15.59
C THR A 29 0.47 1.81 -15.38
N THR A 30 0.19 1.27 -14.21
CA THR A 30 -1.15 0.81 -13.91
C THR A 30 -2.05 2.05 -13.89
N ASP A 31 -3.32 1.86 -14.25
CA ASP A 31 -4.32 2.93 -14.29
C ASP A 31 -4.20 3.82 -15.52
N PHE A 32 -3.09 4.54 -15.65
CA PHE A 32 -2.90 5.44 -16.78
C PHE A 32 -2.60 4.77 -18.11
N ILE A 33 -1.84 3.68 -18.09
CA ILE A 33 -1.53 2.97 -19.32
C ILE A 33 -2.51 1.80 -19.48
N TYR A 34 -2.60 0.99 -18.42
CA TYR A 34 -3.51 -0.14 -18.43
C TYR A 34 -4.68 0.18 -17.50
N GLU A 35 -5.81 0.53 -18.09
CA GLU A 35 -7.00 0.87 -17.33
C GLU A 35 -7.68 -0.38 -16.82
N PRO A 36 -8.16 -0.36 -15.57
CA PRO A 36 -8.83 -1.54 -15.02
C PRO A 36 -10.25 -1.73 -15.54
N LEU A 37 -10.82 -2.90 -15.25
CA LEU A 37 -12.18 -3.20 -15.66
C LEU A 37 -13.11 -2.35 -14.82
N VAL A 38 -12.78 -2.23 -13.54
CA VAL A 38 -13.54 -1.43 -12.60
C VAL A 38 -12.61 -0.84 -11.56
N VAL A 39 -12.93 0.38 -11.11
CA VAL A 39 -12.14 1.07 -10.10
C VAL A 39 -13.02 1.20 -8.88
N PHE A 40 -12.68 0.52 -7.79
CA PHE A 40 -13.49 0.62 -6.58
C PHE A 40 -13.12 1.85 -5.78
N ASN A 41 -14.12 2.65 -5.44
CA ASN A 41 -13.89 3.85 -4.65
C ASN A 41 -13.87 3.41 -3.18
N GLU A 42 -12.70 3.01 -2.70
CA GLU A 42 -12.54 2.53 -1.33
C GLU A 42 -12.96 3.49 -0.23
N MET A 43 -12.82 4.79 -0.47
CA MET A 43 -13.23 5.76 0.54
C MET A 43 -14.74 5.71 0.73
N LYS A 44 -15.47 5.81 -0.38
CA LYS A 44 -16.94 5.82 -0.38
C LYS A 44 -17.59 4.46 -0.09
N GLY A 45 -16.90 3.58 0.64
CA GLY A 45 -17.49 2.29 0.95
C GLY A 45 -17.33 1.28 -0.17
N ASN A 46 -16.21 1.35 -0.87
CA ASN A 46 -15.94 0.42 -1.96
C ASN A 46 -17.06 0.30 -3.00
N THR A 47 -17.37 1.41 -3.66
CA THR A 47 -18.39 1.40 -4.68
C THR A 47 -17.67 1.24 -6.00
N PRO A 48 -18.11 0.29 -6.83
CA PRO A 48 -17.44 0.07 -8.11
C PRO A 48 -17.74 1.12 -9.19
N VAL A 49 -16.69 1.64 -9.80
CA VAL A 49 -16.85 2.61 -10.88
C VAL A 49 -16.40 1.84 -12.13
N PHE A 50 -17.35 1.61 -13.03
CA PHE A 50 -17.04 0.84 -14.22
C PHE A 50 -16.29 1.56 -15.33
N ARG A 51 -15.21 0.96 -15.78
CA ARG A 51 -14.39 1.53 -16.85
C ARG A 51 -14.38 0.59 -18.05
N LEU A 52 -13.36 -0.25 -18.18
CA LEU A 52 -13.33 -1.17 -19.32
C LEU A 52 -14.46 -2.20 -19.27
N ALA A 53 -15.00 -2.44 -18.08
CA ALA A 53 -16.13 -3.35 -17.96
C ALA A 53 -17.37 -2.49 -17.74
N GLU A 54 -18.49 -2.84 -18.38
CA GLU A 54 -19.70 -2.08 -18.16
C GLU A 54 -20.53 -2.64 -17.00
N SER A 55 -20.28 -3.91 -16.64
CA SER A 55 -21.04 -4.45 -15.51
C SER A 55 -20.52 -5.81 -15.15
N TYR A 56 -20.91 -6.30 -13.99
CA TYR A 56 -20.48 -7.63 -13.55
C TYR A 56 -21.56 -8.21 -12.67
N LYS A 57 -21.61 -9.53 -12.61
CA LYS A 57 -22.60 -10.22 -11.79
C LYS A 57 -21.95 -11.38 -11.05
N MET A 58 -21.94 -11.29 -9.72
CA MET A 58 -21.37 -12.33 -8.87
C MET A 58 -22.46 -13.39 -8.70
N ALA A 59 -22.09 -14.66 -8.86
CA ALA A 59 -23.08 -15.73 -8.71
C ALA A 59 -23.54 -15.77 -7.26
N ASP A 60 -24.79 -16.17 -7.04
CA ASP A 60 -25.35 -16.23 -5.69
C ASP A 60 -24.54 -17.09 -4.72
N ASP A 61 -23.96 -18.19 -5.21
CA ASP A 61 -23.18 -19.06 -4.33
C ASP A 61 -21.77 -18.50 -4.10
N LEU A 62 -21.49 -17.34 -4.69
CA LEU A 62 -20.21 -16.67 -4.53
C LEU A 62 -19.00 -17.48 -5.04
N MET A 63 -19.26 -18.49 -5.87
CA MET A 63 -18.18 -19.31 -6.41
C MET A 63 -17.74 -18.88 -7.81
N SER A 64 -18.41 -17.89 -8.39
CA SER A 64 -18.01 -17.39 -9.70
C SER A 64 -18.54 -15.98 -9.93
N VAL A 65 -17.99 -15.32 -10.94
CA VAL A 65 -18.39 -13.96 -11.29
C VAL A 65 -18.14 -13.68 -12.77
N THR A 66 -19.09 -13.02 -13.42
CA THR A 66 -18.96 -12.68 -14.83
C THR A 66 -18.76 -11.18 -14.98
N PHE A 67 -18.04 -10.79 -16.02
CA PHE A 67 -17.79 -9.39 -16.33
C PHE A 67 -18.15 -9.13 -17.80
N ASP A 68 -18.91 -8.07 -18.05
CA ASP A 68 -19.27 -7.72 -19.42
C ASP A 68 -18.31 -6.63 -19.88
N ILE A 69 -17.50 -6.94 -20.89
CA ILE A 69 -16.55 -5.97 -21.42
C ILE A 69 -17.26 -4.91 -22.23
N ARG A 70 -16.87 -3.65 -22.02
CA ARG A 70 -17.49 -2.55 -22.76
C ARG A 70 -17.05 -2.67 -24.22
N LYS A 71 -17.99 -2.57 -25.15
CA LYS A 71 -17.64 -2.65 -26.56
C LYS A 71 -17.13 -1.31 -27.04
N GLY A 72 -16.36 -1.31 -28.11
CA GLY A 72 -15.84 -0.06 -28.65
C GLY A 72 -14.58 0.49 -27.99
N VAL A 73 -14.02 -0.23 -27.02
CA VAL A 73 -12.80 0.22 -26.33
C VAL A 73 -11.62 -0.25 -27.17
N LYS A 74 -10.63 0.61 -27.35
CA LYS A 74 -9.45 0.29 -28.15
C LYS A 74 -8.13 0.40 -27.42
N TRP A 75 -7.14 -0.34 -27.92
CA TRP A 75 -5.79 -0.27 -27.37
C TRP A 75 -5.20 0.95 -28.10
N SER A 76 -4.12 1.51 -27.57
CA SER A 76 -3.53 2.68 -28.21
C SER A 76 -3.10 2.42 -29.66
N ASP A 77 -2.96 1.17 -30.05
CA ASP A 77 -2.54 0.85 -31.40
C ASP A 77 -3.72 0.51 -32.32
N GLY A 78 -4.93 0.88 -31.91
CA GLY A 78 -6.10 0.63 -32.72
C GLY A 78 -6.81 -0.71 -32.58
N GLU A 79 -6.16 -1.69 -31.98
CA GLU A 79 -6.79 -3.00 -31.81
C GLU A 79 -7.88 -2.95 -30.74
N ALA A 80 -8.86 -3.83 -30.88
CA ALA A 80 -9.98 -3.87 -29.94
C ALA A 80 -9.65 -4.52 -28.61
N PHE A 81 -10.22 -3.96 -27.54
CA PHE A 81 -10.02 -4.52 -26.20
C PHE A 81 -11.17 -5.51 -26.04
N THR A 82 -10.85 -6.78 -25.83
CA THR A 82 -11.88 -7.79 -25.69
C THR A 82 -11.63 -8.73 -24.53
N ALA A 83 -12.43 -9.80 -24.47
CA ALA A 83 -12.30 -10.78 -23.42
C ALA A 83 -10.96 -11.53 -23.52
N ASP A 84 -10.43 -11.63 -24.73
CA ASP A 84 -9.17 -12.34 -24.94
C ASP A 84 -8.05 -11.73 -24.10
N ASP A 85 -8.09 -10.41 -23.95
CA ASP A 85 -7.06 -9.71 -23.18
C ASP A 85 -7.13 -10.08 -21.71
N VAL A 86 -8.34 -10.19 -21.18
CA VAL A 86 -8.55 -10.54 -19.79
C VAL A 86 -8.10 -11.99 -19.57
N VAL A 87 -8.61 -12.89 -20.40
CA VAL A 87 -8.27 -14.30 -20.31
C VAL A 87 -6.76 -14.49 -20.32
N TYR A 88 -6.09 -13.87 -21.28
CA TYR A 88 -4.65 -13.97 -21.39
C TYR A 88 -3.91 -13.45 -20.17
N SER A 89 -4.35 -12.30 -19.65
CA SER A 89 -3.70 -11.70 -18.50
C SER A 89 -3.66 -12.59 -17.26
N PHE A 90 -4.75 -13.27 -16.95
CA PHE A 90 -4.77 -14.16 -15.79
C PHE A 90 -4.06 -15.45 -16.11
N GLY A 91 -4.04 -15.80 -17.39
CA GLY A 91 -3.35 -17.01 -17.79
C GLY A 91 -1.88 -16.77 -17.61
N LEU A 92 -1.45 -15.52 -17.83
CA LEU A 92 -0.05 -15.15 -17.68
C LEU A 92 0.39 -15.31 -16.23
N LEU A 93 -0.48 -14.90 -15.31
CA LEU A 93 -0.20 -15.00 -13.88
C LEU A 93 -0.08 -16.45 -13.44
N LYS A 94 -0.79 -17.34 -14.14
CA LYS A 94 -0.75 -18.75 -13.82
C LYS A 94 0.56 -19.33 -14.35
N ALA A 95 0.97 -18.85 -15.52
CA ALA A 95 2.19 -19.30 -16.17
C ALA A 95 3.43 -18.81 -15.41
N LYS A 96 3.34 -17.59 -14.89
CA LYS A 96 4.43 -16.96 -14.15
C LYS A 96 3.92 -16.41 -12.83
N PRO A 97 3.69 -17.30 -11.84
CA PRO A 97 3.20 -16.88 -10.53
C PRO A 97 3.97 -15.73 -9.86
N GLU A 98 5.16 -15.41 -10.35
CA GLU A 98 5.93 -14.32 -9.76
C GLU A 98 5.31 -12.98 -10.16
N LEU A 99 4.45 -13.00 -11.18
CA LEU A 99 3.80 -11.78 -11.63
C LEU A 99 2.47 -11.60 -10.90
N ASP A 100 2.12 -12.58 -10.06
CA ASP A 100 0.88 -12.54 -9.28
C ASP A 100 1.16 -11.70 -8.04
N GLN A 101 0.68 -10.47 -8.07
CA GLN A 101 0.90 -9.52 -6.98
C GLN A 101 -0.13 -9.55 -5.85
N ARG A 102 -1.32 -10.10 -6.13
CA ARG A 102 -2.39 -10.14 -5.14
C ARG A 102 -2.56 -11.51 -4.50
N GLY A 103 -1.97 -12.53 -5.09
CA GLY A 103 -2.13 -13.88 -4.58
C GLY A 103 -3.48 -14.35 -5.13
N ILE A 104 -3.83 -13.82 -6.30
CA ILE A 104 -5.10 -14.12 -6.94
C ILE A 104 -5.19 -15.55 -7.52
N ASN A 105 -4.05 -16.18 -7.80
CA ASN A 105 -4.06 -17.53 -8.36
C ASN A 105 -4.72 -18.56 -7.44
N LYS A 106 -4.53 -18.39 -6.14
CA LYS A 106 -5.12 -19.29 -5.15
C LYS A 106 -6.64 -19.31 -5.24
N TRP A 107 -7.24 -18.14 -5.44
CA TRP A 107 -8.70 -18.00 -5.51
C TRP A 107 -9.36 -18.27 -6.84
N VAL A 108 -8.71 -17.88 -7.93
CA VAL A 108 -9.29 -18.07 -9.25
C VAL A 108 -8.77 -19.31 -9.96
N THR A 109 -9.61 -20.34 -10.02
CA THR A 109 -9.27 -21.60 -10.67
C THR A 109 -9.14 -21.41 -12.19
N SER A 110 -10.09 -20.73 -12.79
CA SER A 110 -10.06 -20.51 -14.22
C SER A 110 -10.78 -19.22 -14.61
N VAL A 111 -10.50 -18.77 -15.83
CA VAL A 111 -11.10 -17.56 -16.38
C VAL A 111 -11.57 -17.90 -17.79
N GLU A 112 -12.84 -18.24 -17.91
CA GLU A 112 -13.42 -18.63 -19.19
C GLU A 112 -14.03 -17.49 -20.00
N LYS A 113 -13.92 -17.62 -21.32
CA LYS A 113 -14.46 -16.64 -22.23
C LYS A 113 -15.84 -17.10 -22.67
N VAL A 114 -16.88 -16.41 -22.20
CA VAL A 114 -18.24 -16.76 -22.57
C VAL A 114 -18.50 -16.27 -24.00
N ASP A 115 -18.05 -15.06 -24.29
CA ASP A 115 -18.21 -14.52 -25.63
C ASP A 115 -17.20 -13.40 -25.85
N GLU A 116 -17.22 -12.82 -27.04
CA GLU A 116 -16.29 -11.75 -27.42
C GLU A 116 -16.11 -10.71 -26.34
N TYR A 117 -17.18 -10.36 -25.65
CA TYR A 117 -17.15 -9.33 -24.62
C TYR A 117 -17.71 -9.75 -23.26
N LYS A 118 -17.50 -11.00 -22.89
CA LYS A 118 -17.98 -11.49 -21.60
C LYS A 118 -17.06 -12.59 -21.08
N VAL A 119 -16.60 -12.44 -19.85
CA VAL A 119 -15.71 -13.42 -19.25
C VAL A 119 -16.25 -13.90 -17.90
N ARG A 120 -15.93 -15.14 -17.56
CA ARG A 120 -16.39 -15.72 -16.30
C ARG A 120 -15.24 -16.26 -15.47
N PHE A 121 -15.13 -15.77 -14.25
CA PHE A 121 -14.09 -16.24 -13.33
C PHE A 121 -14.71 -17.29 -12.42
N ARG A 122 -14.07 -18.45 -12.34
CA ARG A 122 -14.56 -19.53 -11.48
C ARG A 122 -13.59 -19.61 -10.30
N LEU A 123 -14.13 -19.57 -9.08
CA LEU A 123 -13.29 -19.59 -7.89
C LEU A 123 -13.06 -20.95 -7.27
N SER A 124 -11.98 -21.07 -6.51
CA SER A 124 -11.65 -22.32 -5.85
C SER A 124 -12.33 -22.34 -4.49
N GLU A 125 -12.71 -21.15 -4.04
CA GLU A 125 -13.33 -20.98 -2.73
C GLU A 125 -14.17 -19.71 -2.76
N ALA A 126 -15.27 -19.70 -2.01
CA ALA A 126 -16.16 -18.55 -1.96
C ALA A 126 -15.49 -17.26 -1.48
N ASN A 127 -15.77 -16.19 -2.20
CA ASN A 127 -15.22 -14.87 -1.89
C ASN A 127 -16.08 -13.81 -2.58
N SER A 128 -16.97 -13.17 -1.82
CA SER A 128 -17.84 -12.14 -2.36
C SER A 128 -17.05 -10.87 -2.71
N ASN A 129 -15.79 -10.83 -2.32
CA ASN A 129 -14.99 -9.65 -2.60
C ASN A 129 -14.05 -9.86 -3.78
N VAL A 130 -14.21 -10.98 -4.47
CA VAL A 130 -13.34 -11.27 -5.62
C VAL A 130 -13.40 -10.20 -6.70
N PRO A 131 -14.55 -9.52 -6.87
CA PRO A 131 -14.63 -8.48 -7.90
C PRO A 131 -13.58 -7.39 -7.63
N TYR A 132 -13.45 -7.03 -6.36
CA TYR A 132 -12.47 -6.03 -5.96
C TYR A 132 -11.06 -6.53 -6.24
N GLU A 133 -10.80 -7.79 -5.87
CA GLU A 133 -9.49 -8.39 -6.09
C GLU A 133 -9.13 -8.43 -7.58
N ILE A 134 -10.09 -8.84 -8.40
CA ILE A 134 -9.89 -8.90 -9.83
C ILE A 134 -9.57 -7.52 -10.41
N SER A 135 -10.27 -6.50 -9.92
CA SER A 135 -10.09 -5.14 -10.42
C SER A 135 -8.68 -4.58 -10.25
N LEU A 136 -7.89 -5.19 -9.36
CA LEU A 136 -6.53 -4.75 -9.11
C LEU A 136 -5.46 -5.49 -9.92
N ILE A 137 -5.90 -6.41 -10.77
CA ILE A 137 -4.97 -7.17 -11.60
C ILE A 137 -4.84 -6.49 -12.97
N PRO A 138 -3.66 -5.95 -13.29
CA PRO A 138 -3.53 -5.31 -14.59
C PRO A 138 -3.85 -6.22 -15.78
N ILE A 139 -4.49 -5.64 -16.78
CA ILE A 139 -4.86 -6.38 -17.99
C ILE A 139 -4.10 -5.81 -19.19
N VAL A 140 -3.20 -6.61 -19.74
CA VAL A 140 -2.38 -6.19 -20.88
C VAL A 140 -2.94 -6.68 -22.22
N ALA A 141 -2.35 -6.20 -23.32
CA ALA A 141 -2.79 -6.54 -24.67
C ALA A 141 -2.25 -7.89 -25.12
N GLU A 142 -3.15 -8.85 -25.26
CA GLU A 142 -2.79 -10.20 -25.68
C GLU A 142 -2.18 -10.23 -27.07
N HIS A 143 -2.67 -9.38 -27.98
CA HIS A 143 -2.13 -9.38 -29.33
C HIS A 143 -0.67 -8.95 -29.34
N VAL A 144 -0.22 -8.38 -28.23
CA VAL A 144 1.17 -7.94 -28.09
C VAL A 144 1.97 -8.87 -27.19
N TRP A 145 1.46 -9.16 -26.01
CA TRP A 145 2.16 -10.01 -25.05
C TRP A 145 2.29 -11.49 -25.42
N LYS A 146 1.45 -11.98 -26.32
CA LYS A 146 1.56 -13.38 -26.71
C LYS A 146 2.84 -13.59 -27.54
N ASP A 147 3.37 -12.50 -28.08
CA ASP A 147 4.60 -12.56 -28.87
C ASP A 147 5.83 -12.22 -28.03
N VAL A 148 5.62 -11.94 -26.76
CA VAL A 148 6.71 -11.63 -25.85
C VAL A 148 7.18 -12.96 -25.28
N LYS A 149 8.42 -13.33 -25.60
CA LYS A 149 8.95 -14.61 -25.13
C LYS A 149 9.00 -14.72 -23.60
N ASP A 150 9.58 -13.74 -22.94
CA ASP A 150 9.66 -13.79 -21.48
C ASP A 150 9.11 -12.54 -20.79
N PRO A 151 7.81 -12.58 -20.44
CA PRO A 151 7.10 -11.47 -19.77
C PRO A 151 7.71 -11.03 -18.44
N THR A 152 8.46 -11.92 -17.80
CA THR A 152 9.06 -11.60 -16.50
C THR A 152 10.20 -10.60 -16.56
N THR A 153 10.80 -10.42 -17.74
CA THR A 153 11.90 -9.48 -17.90
C THR A 153 11.61 -8.43 -18.98
N PHE A 154 10.43 -8.51 -19.59
CA PHE A 154 10.02 -7.58 -20.62
C PHE A 154 9.84 -6.20 -19.99
N THR A 155 10.57 -5.20 -20.51
CA THR A 155 10.50 -3.85 -19.96
C THR A 155 9.39 -3.00 -20.57
N ASN A 156 8.71 -3.55 -21.59
CA ASN A 156 7.58 -2.86 -22.23
C ASN A 156 7.88 -1.38 -22.46
N GLU A 157 9.00 -1.09 -23.13
CA GLU A 157 9.39 0.30 -23.36
C GLU A 157 8.47 1.11 -24.28
N ASN A 158 7.75 0.46 -25.19
CA ASN A 158 6.82 1.17 -26.06
C ASN A 158 5.45 0.55 -25.86
N PRO A 159 4.88 0.78 -24.67
CA PRO A 159 3.57 0.26 -24.26
C PRO A 159 2.37 0.57 -25.12
N VAL A 160 1.52 -0.45 -25.26
CA VAL A 160 0.27 -0.36 -26.00
C VAL A 160 -0.78 -0.49 -24.89
N GLY A 161 -1.48 0.60 -24.59
CA GLY A 161 -2.46 0.56 -23.52
C GLY A 161 -3.86 1.02 -23.81
N THR A 162 -4.74 0.76 -22.84
CA THR A 162 -6.15 1.11 -22.88
C THR A 162 -6.39 2.42 -22.12
N GLY A 163 -5.42 2.80 -21.28
CA GLY A 163 -5.56 4.00 -20.47
C GLY A 163 -5.48 5.35 -21.15
N PRO A 164 -5.68 6.45 -20.40
CA PRO A 164 -5.65 7.83 -20.92
C PRO A 164 -4.29 8.34 -21.40
N PHE A 165 -3.21 7.81 -20.84
CA PHE A 165 -1.86 8.27 -21.22
C PHE A 165 -0.96 7.12 -21.63
N THR A 166 -0.77 6.94 -22.94
CA THR A 166 0.07 5.85 -23.46
C THR A 166 1.26 6.30 -24.30
N VAL A 167 1.24 7.54 -24.76
CA VAL A 167 2.33 8.05 -25.60
C VAL A 167 3.52 8.57 -24.80
N ILE A 168 4.67 7.94 -24.99
CA ILE A 168 5.89 8.35 -24.30
C ILE A 168 6.54 9.44 -25.14
N ASP A 169 6.09 10.67 -24.91
CA ASP A 169 6.53 11.85 -25.62
C ASP A 169 7.96 12.30 -25.36
N THR A 170 8.46 11.99 -24.16
CA THR A 170 9.81 12.38 -23.78
C THR A 170 10.32 11.41 -22.75
N PHE A 171 11.60 11.08 -22.83
CA PHE A 171 12.18 10.19 -21.84
C PHE A 171 13.67 10.42 -21.70
N THR A 172 14.04 10.96 -20.53
CA THR A 172 15.43 11.22 -20.20
C THR A 172 15.60 10.71 -18.78
N PRO A 173 16.85 10.59 -18.32
CA PRO A 173 17.05 10.10 -16.96
C PRO A 173 16.43 11.00 -15.87
N GLN A 174 16.21 12.27 -16.17
CA GLN A 174 15.62 13.18 -15.18
C GLN A 174 14.16 13.52 -15.43
N LEU A 175 13.59 13.05 -16.54
CA LEU A 175 12.21 13.39 -16.85
C LEU A 175 11.61 12.62 -18.00
N TYR A 176 10.32 12.31 -17.89
CA TYR A 176 9.60 11.64 -18.97
C TYR A 176 8.20 12.23 -19.01
N ILE A 177 7.62 12.27 -20.20
CA ILE A 177 6.29 12.83 -20.39
C ILE A 177 5.41 11.79 -21.06
N GLN A 178 4.32 11.45 -20.38
CA GLN A 178 3.37 10.45 -20.84
C GLN A 178 2.13 11.20 -21.32
N CYS A 179 1.88 11.17 -22.64
CA CYS A 179 0.74 11.88 -23.19
C CYS A 179 -0.44 11.03 -23.66
N ARG A 180 -1.53 11.75 -23.92
CA ARG A 180 -2.81 11.21 -24.37
C ARG A 180 -2.83 10.04 -25.37
N ASN A 181 -3.56 8.99 -25.01
CA ASN A 181 -3.75 7.81 -25.83
C ASN A 181 -4.55 8.32 -27.04
N PRO A 182 -3.97 8.28 -28.24
CA PRO A 182 -4.67 8.76 -29.44
C PRO A 182 -6.00 8.06 -29.75
N ASN A 183 -6.24 6.91 -29.11
CA ASN A 183 -7.47 6.16 -29.32
C ASN A 183 -8.25 5.92 -28.02
N TYR A 184 -8.07 6.77 -27.02
CA TYR A 184 -8.75 6.59 -25.73
C TYR A 184 -10.28 6.50 -25.83
N TRP A 185 -10.84 5.43 -25.27
CA TRP A 185 -12.28 5.22 -25.32
C TRP A 185 -13.07 6.33 -24.61
N ASP A 186 -12.44 6.96 -23.62
CA ASP A 186 -13.09 8.01 -22.85
C ASP A 186 -12.44 9.38 -23.13
N ALA A 187 -11.97 9.54 -24.36
CA ALA A 187 -11.31 10.77 -24.81
C ALA A 187 -12.08 12.04 -24.48
N ALA A 188 -13.40 12.01 -24.68
CA ALA A 188 -14.24 13.18 -24.42
C ALA A 188 -14.21 13.68 -22.97
N ASN A 189 -13.83 12.81 -22.05
CA ASN A 189 -13.76 13.17 -20.63
C ASN A 189 -12.34 13.46 -20.13
N LEU A 190 -11.36 13.36 -21.02
CA LEU A 190 -9.96 13.60 -20.67
C LEU A 190 -9.57 15.02 -21.10
N GLU A 191 -9.33 15.92 -20.15
CA GLU A 191 -8.96 17.28 -20.52
C GLU A 191 -7.50 17.62 -20.21
N VAL A 192 -6.76 16.61 -19.77
CA VAL A 192 -5.34 16.76 -19.49
C VAL A 192 -4.65 16.03 -20.64
N ASP A 193 -3.70 16.70 -21.29
CA ASP A 193 -3.02 16.07 -22.43
C ASP A 193 -1.84 15.19 -22.07
N CYS A 194 -0.99 15.66 -21.17
CA CYS A 194 0.17 14.89 -20.78
C CYS A 194 0.43 14.87 -19.29
N LEU A 195 1.07 13.78 -18.87
CA LEU A 195 1.47 13.58 -17.49
C LEU A 195 2.97 13.90 -17.50
N ARG A 196 3.36 14.94 -16.76
CA ARG A 196 4.76 15.32 -16.71
C ARG A 196 5.35 14.73 -15.44
N VAL A 197 6.31 13.83 -15.60
CA VAL A 197 6.91 13.13 -14.47
C VAL A 197 8.40 13.41 -14.27
N PRO A 198 8.73 14.45 -13.48
CA PRO A 198 10.13 14.80 -13.21
C PRO A 198 10.76 13.85 -12.20
N GLN A 199 12.06 13.63 -12.33
CA GLN A 199 12.79 12.74 -11.42
C GLN A 199 13.13 13.46 -10.12
N ILE A 200 12.62 12.94 -9.00
CA ILE A 200 12.88 13.49 -7.66
C ILE A 200 13.34 12.32 -6.81
N ALA A 201 14.51 12.47 -6.18
CA ALA A 201 15.11 11.41 -5.37
C ALA A 201 14.57 11.17 -3.97
N ASN A 202 14.10 12.21 -3.30
CA ASN A 202 13.62 12.05 -1.93
C ASN A 202 12.76 13.23 -1.46
N ASN A 203 12.37 13.21 -0.19
CA ASN A 203 11.54 14.27 0.38
C ASN A 203 12.24 15.63 0.39
N ASP A 204 13.56 15.62 0.51
CA ASP A 204 14.30 16.88 0.55
C ASP A 204 14.27 17.58 -0.81
N GLN A 205 14.47 16.81 -1.88
CA GLN A 205 14.43 17.39 -3.21
C GLN A 205 13.00 17.78 -3.55
N LEU A 206 12.04 17.03 -3.02
CA LEU A 206 10.65 17.33 -3.30
C LEU A 206 10.22 18.65 -2.68
N LEU A 207 10.61 18.87 -1.43
CA LEU A 207 10.25 20.10 -0.73
C LEU A 207 10.68 21.34 -1.51
N GLY A 208 11.92 21.34 -1.99
CA GLY A 208 12.42 22.47 -2.75
C GLY A 208 11.56 22.79 -3.96
N LYS A 209 11.17 21.76 -4.68
CA LYS A 209 10.35 21.92 -5.88
C LYS A 209 8.90 22.31 -5.60
N ILE A 210 8.27 21.67 -4.62
CA ILE A 210 6.87 21.96 -4.33
C ILE A 210 6.62 23.38 -3.83
N VAL A 211 7.53 23.92 -3.02
CA VAL A 211 7.34 25.28 -2.51
C VAL A 211 7.58 26.26 -3.64
N ASN A 212 8.39 25.85 -4.62
CA ASN A 212 8.67 26.70 -5.77
C ASN A 212 7.55 26.59 -6.81
N SER A 213 6.48 25.90 -6.41
CA SER A 213 5.28 25.74 -7.23
C SER A 213 5.44 25.05 -8.58
N GLU A 214 6.45 24.21 -8.74
CA GLU A 214 6.64 23.54 -10.02
C GLU A 214 5.95 22.18 -10.12
N LEU A 215 5.15 21.85 -9.11
CA LEU A 215 4.44 20.57 -9.10
C LEU A 215 2.94 20.80 -9.00
N ASP A 216 2.15 19.86 -9.54
CA ASP A 216 0.71 19.99 -9.50
C ASP A 216 0.03 18.98 -8.60
N TRP A 217 0.38 17.71 -8.78
CA TRP A 217 -0.22 16.63 -8.02
C TRP A 217 0.82 15.78 -7.30
N THR A 218 0.79 15.84 -5.97
CA THR A 218 1.73 15.09 -5.16
C THR A 218 1.06 14.48 -3.92
N SER A 219 1.73 13.51 -3.32
CA SER A 219 1.20 12.85 -2.13
C SER A 219 2.37 12.49 -1.22
N SER A 220 3.31 13.41 -1.10
CA SER A 220 4.49 13.16 -0.28
C SER A 220 4.36 13.77 1.11
N PHE A 221 5.31 13.44 1.98
CA PHE A 221 5.31 14.02 3.31
C PHE A 221 5.91 15.41 3.14
N VAL A 222 5.27 16.41 3.75
CA VAL A 222 5.77 17.77 3.68
C VAL A 222 5.81 18.32 5.10
N PRO A 223 7.02 18.65 5.60
CA PRO A 223 7.14 19.17 6.96
C PRO A 223 6.60 20.59 7.09
N ASP A 224 6.07 20.91 8.27
CA ASP A 224 5.54 22.25 8.53
C ASP A 224 4.79 22.74 7.29
N ILE A 225 3.83 21.95 6.84
CA ILE A 225 3.05 22.22 5.64
C ILE A 225 2.42 23.61 5.52
N ASP A 226 1.78 24.09 6.58
CA ASP A 226 1.14 25.40 6.52
C ASP A 226 2.12 26.54 6.29
N ARG A 227 3.15 26.62 7.11
CA ARG A 227 4.13 27.70 6.98
C ARG A 227 4.95 27.60 5.70
N THR A 228 5.55 26.44 5.46
CA THR A 228 6.41 26.24 4.31
C THR A 228 5.73 26.03 2.96
N TYR A 229 4.56 25.40 2.93
CA TYR A 229 3.90 25.16 1.65
C TYR A 229 2.63 25.97 1.39
N ALA A 230 1.66 25.83 2.28
CA ALA A 230 0.38 26.51 2.13
C ALA A 230 0.43 28.03 2.17
N ALA A 231 1.11 28.58 3.18
CA ALA A 231 1.18 30.03 3.33
C ALA A 231 2.07 30.72 2.29
N ALA A 232 2.82 29.93 1.52
CA ALA A 232 3.72 30.51 0.52
C ALA A 232 3.09 30.92 -0.81
N ASN A 233 1.87 30.46 -1.08
CA ASN A 233 1.21 30.74 -2.35
C ASN A 233 -0.26 30.35 -2.21
N PRO A 234 -1.19 31.22 -2.66
CA PRO A 234 -2.63 30.92 -2.57
C PRO A 234 -3.08 29.76 -3.45
N ASN A 235 -2.18 29.29 -4.33
CA ASN A 235 -2.51 28.17 -5.20
C ASN A 235 -2.05 26.86 -4.59
N HIS A 236 -1.33 26.93 -3.48
CA HIS A 236 -0.83 25.76 -2.80
C HIS A 236 -1.89 25.25 -1.83
N HIS A 237 -2.45 24.09 -2.15
CA HIS A 237 -3.50 23.45 -1.36
C HIS A 237 -3.15 22.00 -1.01
N TYR A 238 -3.82 21.48 0.01
CA TYR A 238 -3.62 20.10 0.42
C TYR A 238 -4.89 19.60 1.10
N TRP A 239 -4.98 18.28 1.26
CA TRP A 239 -6.12 17.64 1.91
C TRP A 239 -5.65 16.28 2.42
N TYR A 240 -5.62 16.12 3.73
CA TYR A 240 -5.16 14.88 4.36
C TYR A 240 -6.25 14.02 4.97
N PRO A 241 -7.07 13.36 4.14
CA PRO A 241 -8.12 12.53 4.75
C PRO A 241 -7.49 11.37 5.52
N ALA A 242 -8.12 10.96 6.62
CA ALA A 242 -7.60 9.86 7.44
C ALA A 242 -7.33 8.63 6.60
N ALA A 243 -6.31 7.87 6.98
CA ALA A 243 -5.94 6.67 6.24
C ALA A 243 -5.70 5.47 7.16
N GLY A 244 -4.79 4.59 6.73
CA GLY A 244 -4.50 3.39 7.49
C GLY A 244 -3.53 3.43 8.65
N THR A 245 -3.16 2.25 9.12
CA THR A 245 -2.26 2.07 10.25
C THR A 245 -0.81 2.14 9.82
N GLN A 246 0.05 2.49 10.77
CA GLN A 246 1.48 2.55 10.56
C GLN A 246 2.03 1.85 11.78
N ALA A 247 3.07 1.04 11.59
CA ALA A 247 3.61 0.29 12.71
C ALA A 247 4.99 -0.29 12.45
N PHE A 248 5.57 -0.84 13.52
CA PHE A 248 6.87 -1.49 13.43
C PHE A 248 6.58 -2.98 13.25
N MET A 249 7.11 -3.55 12.17
CA MET A 249 6.94 -4.96 11.88
C MET A 249 8.20 -5.66 12.31
N VAL A 250 8.04 -6.73 13.07
CA VAL A 250 9.17 -7.51 13.58
C VAL A 250 9.26 -8.81 12.80
N ASN A 251 10.47 -9.24 12.46
CA ASN A 251 10.67 -10.48 11.72
C ASN A 251 10.76 -11.70 12.65
N PHE A 252 9.67 -12.46 12.70
CA PHE A 252 9.61 -13.64 13.56
C PHE A 252 10.61 -14.74 13.21
N LYS A 253 11.19 -14.70 12.01
CA LYS A 253 12.16 -15.73 11.65
C LYS A 253 13.54 -15.15 11.34
N ASN A 254 13.94 -14.12 12.08
CA ASN A 254 15.25 -13.54 11.86
C ASN A 254 16.27 -14.65 12.00
N PRO A 255 17.24 -14.74 11.06
CA PRO A 255 18.29 -15.75 11.05
C PRO A 255 19.30 -15.67 12.20
N ASP A 256 19.39 -14.52 12.87
CA ASP A 256 20.32 -14.38 13.98
C ASP A 256 19.71 -15.02 15.24
N PRO A 257 20.46 -15.91 15.91
CA PRO A 257 19.94 -16.56 17.11
C PRO A 257 19.49 -15.60 18.21
N ALA A 258 20.33 -14.62 18.53
CA ALA A 258 20.01 -13.64 19.56
C ALA A 258 18.77 -12.82 19.20
N LYS A 259 18.74 -12.31 17.98
CA LYS A 259 17.61 -11.49 17.55
C LYS A 259 16.31 -12.28 17.53
N LYS A 260 16.36 -13.55 17.13
CA LYS A 260 15.15 -14.37 17.10
C LYS A 260 14.68 -14.65 18.52
N GLU A 261 15.63 -14.77 19.45
CA GLU A 261 15.29 -15.02 20.84
C GLU A 261 14.52 -13.82 21.39
N ALA A 262 14.83 -12.65 20.85
CA ALA A 262 14.17 -11.43 21.29
C ALA A 262 12.85 -11.18 20.55
N LEU A 263 12.93 -11.07 19.23
CA LEU A 263 11.76 -10.79 18.42
C LEU A 263 10.64 -11.81 18.48
N ASP A 264 11.00 -13.08 18.61
CA ASP A 264 10.01 -14.15 18.68
C ASP A 264 9.63 -14.42 20.14
N ASN A 265 9.45 -13.34 20.90
CA ASN A 265 9.08 -13.40 22.32
C ASN A 265 8.01 -12.33 22.53
N VAL A 266 6.78 -12.76 22.80
CA VAL A 266 5.67 -11.83 22.99
C VAL A 266 5.91 -10.80 24.09
N ASP A 267 6.60 -11.18 25.17
CA ASP A 267 6.87 -10.22 26.23
C ASP A 267 7.83 -9.14 25.74
N PHE A 268 8.81 -9.52 24.92
CA PHE A 268 9.74 -8.54 24.39
C PHE A 268 9.02 -7.59 23.42
N ARG A 269 8.12 -8.12 22.60
CA ARG A 269 7.40 -7.28 21.66
C ARG A 269 6.53 -6.27 22.41
N ARG A 270 5.93 -6.71 23.52
CA ARG A 270 5.09 -5.82 24.31
C ARG A 270 5.94 -4.74 25.00
N ALA A 271 7.13 -5.12 25.43
CA ALA A 271 8.04 -4.20 26.10
C ALA A 271 8.56 -3.19 25.06
N PHE A 272 8.80 -3.66 23.85
CA PHE A 272 9.28 -2.81 22.75
C PHE A 272 8.18 -1.76 22.57
N SER A 273 6.94 -2.25 22.45
CA SER A 273 5.77 -1.41 22.26
C SER A 273 5.56 -0.34 23.35
N MET A 274 5.57 -0.75 24.61
CA MET A 274 5.39 0.18 25.72
C MET A 274 6.47 1.26 25.82
N ALA A 275 7.61 1.01 25.21
CA ALA A 275 8.70 1.99 25.24
C ALA A 275 8.43 3.17 24.33
N LEU A 276 7.61 2.94 23.30
CA LEU A 276 7.30 3.97 22.32
C LEU A 276 6.35 5.07 22.79
N ASP A 277 6.70 6.30 22.49
CA ASP A 277 5.87 7.45 22.84
C ASP A 277 5.20 7.88 21.53
N ARG A 278 4.10 7.19 21.23
CA ARG A 278 3.34 7.39 20.00
C ARG A 278 2.92 8.83 19.73
N GLN A 279 2.42 9.52 20.74
CA GLN A 279 1.99 10.89 20.55
C GLN A 279 3.16 11.79 20.18
N THR A 280 4.28 11.66 20.88
CA THR A 280 5.44 12.48 20.59
C THR A 280 5.92 12.22 19.16
N ILE A 281 5.78 10.98 18.70
CA ILE A 281 6.20 10.63 17.35
C ILE A 281 5.34 11.38 16.33
N ILE A 282 4.04 11.43 16.58
CA ILE A 282 3.10 12.11 15.70
C ILE A 282 3.40 13.62 15.69
N ASP A 283 3.56 14.19 16.89
CA ASP A 283 3.83 15.61 17.02
C ASP A 283 5.16 16.02 16.36
N ILE A 284 6.21 15.24 16.59
CA ILE A 284 7.53 15.54 16.04
C ILE A 284 7.76 15.12 14.59
N ALA A 285 7.72 13.82 14.33
CA ALA A 285 7.94 13.29 12.98
C ALA A 285 6.87 13.65 11.95
N PHE A 286 5.62 13.73 12.38
CA PHE A 286 4.55 14.03 11.45
C PHE A 286 3.92 15.40 11.62
N TYR A 287 4.51 16.22 12.47
CA TYR A 287 4.01 17.57 12.70
C TYR A 287 2.54 17.62 13.11
N GLY A 288 2.14 16.70 13.99
CA GLY A 288 0.77 16.67 14.47
C GLY A 288 -0.27 16.02 13.58
N SER A 289 0.16 15.43 12.48
CA SER A 289 -0.77 14.75 11.59
C SER A 289 -0.85 13.27 11.91
N GLY A 290 -2.05 12.81 12.25
CA GLY A 290 -2.24 11.40 12.58
C GLY A 290 -2.75 11.25 13.99
N THR A 291 -3.23 10.06 14.33
CA THR A 291 -3.75 9.78 15.67
C THR A 291 -3.10 8.53 16.26
N VAL A 292 -2.99 8.50 17.59
CA VAL A 292 -2.39 7.36 18.29
C VAL A 292 -3.13 6.06 17.96
N ASN A 293 -2.40 4.97 17.85
CA ASN A 293 -3.03 3.68 17.58
C ASN A 293 -2.52 2.72 18.64
N ASP A 294 -3.33 2.53 19.69
CA ASP A 294 -2.99 1.66 20.80
C ASP A 294 -3.75 0.35 20.75
N PHE A 295 -4.11 -0.08 19.55
CA PHE A 295 -4.81 -1.35 19.31
C PHE A 295 -3.73 -2.36 19.02
N ALA A 296 -3.59 -3.38 19.87
CA ALA A 296 -2.57 -4.39 19.64
C ALA A 296 -2.81 -5.05 18.28
N SER A 297 -4.07 -5.07 17.86
CA SER A 297 -4.48 -5.65 16.58
C SER A 297 -4.24 -4.68 15.44
N GLY A 298 -3.90 -3.45 15.78
CA GLY A 298 -3.65 -2.43 14.78
C GLY A 298 -4.91 -1.88 14.16
N LEU A 299 -6.07 -2.30 14.66
CA LEU A 299 -7.36 -1.86 14.13
C LEU A 299 -7.47 -0.34 13.93
N GLY A 300 -7.14 0.42 14.96
CA GLY A 300 -7.24 1.86 14.85
C GLY A 300 -8.59 2.35 15.37
N TYR A 301 -8.56 3.44 16.12
CA TYR A 301 -9.77 3.99 16.72
C TYR A 301 -10.87 4.31 15.70
N ALA A 302 -10.47 4.64 14.46
CA ALA A 302 -11.44 4.96 13.43
C ALA A 302 -12.40 3.80 13.17
N PHE A 303 -11.90 2.57 13.29
CA PHE A 303 -12.72 1.38 13.07
C PHE A 303 -13.20 0.76 14.38
N GLU A 304 -13.28 1.58 15.43
CA GLU A 304 -13.73 1.10 16.74
C GLU A 304 -15.06 0.33 16.67
N ALA A 305 -15.91 0.68 15.71
CA ALA A 305 -17.20 0.02 15.57
C ALA A 305 -17.03 -1.47 15.37
N TRP A 306 -15.86 -1.88 14.89
CA TRP A 306 -15.58 -3.29 14.66
C TRP A 306 -14.85 -3.91 15.83
N SER A 307 -14.47 -3.09 16.78
CA SER A 307 -13.70 -3.56 17.92
C SER A 307 -14.48 -4.12 19.12
N ASP A 308 -13.89 -5.15 19.72
CA ASP A 308 -14.45 -5.77 20.91
C ASP A 308 -13.70 -5.06 22.02
N GLU A 309 -14.35 -4.07 22.62
CA GLU A 309 -13.74 -3.26 23.68
C GLU A 309 -12.94 -4.05 24.70
N ALA A 310 -13.46 -5.20 25.11
CA ALA A 310 -12.78 -6.03 26.10
C ALA A 310 -11.39 -6.41 25.62
N THR A 311 -11.30 -6.83 24.37
CA THR A 311 -10.02 -7.21 23.78
C THR A 311 -9.10 -6.00 23.74
N HIS A 312 -9.64 -4.88 23.31
CA HIS A 312 -8.86 -3.65 23.22
C HIS A 312 -8.33 -3.28 24.61
N LYS A 313 -9.23 -3.21 25.57
CA LYS A 313 -8.87 -2.86 26.94
C LYS A 313 -7.80 -3.77 27.55
N LYS A 314 -7.88 -5.06 27.26
CA LYS A 314 -6.92 -6.01 27.82
C LYS A 314 -5.48 -5.84 27.34
N TYR A 315 -5.30 -5.44 26.08
CA TYR A 315 -3.95 -5.30 25.54
C TYR A 315 -3.52 -3.85 25.31
N LYS A 316 -4.45 -2.91 25.51
CA LYS A 316 -4.17 -1.49 25.35
C LYS A 316 -2.92 -1.06 26.12
N GLY A 317 -2.76 -1.59 27.34
CA GLY A 317 -1.61 -1.23 28.16
C GLY A 317 -0.27 -1.55 27.53
N PHE A 318 -0.21 -2.63 26.75
CA PHE A 318 1.02 -3.03 26.08
C PHE A 318 1.27 -2.16 24.85
N ASN A 319 0.35 -1.25 24.57
CA ASN A 319 0.48 -0.38 23.41
C ASN A 319 0.26 1.07 23.80
N THR A 320 0.79 1.40 24.97
CA THR A 320 0.70 2.74 25.54
C THR A 320 2.06 3.10 26.14
N TYR A 321 2.50 4.33 25.94
CA TYR A 321 3.78 4.79 26.46
C TYR A 321 3.88 4.46 27.95
N ASP A 322 4.79 3.56 28.30
CA ASP A 322 4.97 3.16 29.68
C ASP A 322 6.39 2.64 29.92
N VAL A 323 7.31 3.56 30.18
CA VAL A 323 8.72 3.23 30.41
C VAL A 323 8.91 2.23 31.55
N GLU A 324 8.36 2.53 32.72
CA GLU A 324 8.48 1.63 33.87
C GLU A 324 7.92 0.25 33.55
N GLY A 325 6.72 0.22 32.97
CA GLY A 325 6.11 -1.06 32.62
C GLY A 325 7.02 -1.84 31.69
N SER A 326 7.55 -1.14 30.69
CA SER A 326 8.44 -1.75 29.71
C SER A 326 9.67 -2.39 30.36
N LYS A 327 10.36 -1.63 31.20
CA LYS A 327 11.55 -2.14 31.88
C LYS A 327 11.24 -3.30 32.83
N LYS A 328 10.12 -3.19 33.55
CA LYS A 328 9.72 -4.23 34.48
C LYS A 328 9.40 -5.54 33.75
N LEU A 329 8.78 -5.42 32.57
CA LEU A 329 8.42 -6.60 31.78
C LEU A 329 9.68 -7.29 31.25
N LEU A 330 10.63 -6.48 30.79
CA LEU A 330 11.88 -7.01 30.25
C LEU A 330 12.60 -7.78 31.33
N ALA A 331 12.66 -7.21 32.53
CA ALA A 331 13.33 -7.87 33.67
C ALA A 331 12.59 -9.18 34.01
N LYS A 332 11.27 -9.10 34.13
CA LYS A 332 10.48 -10.28 34.45
C LYS A 332 10.68 -11.35 33.38
N ALA A 333 10.80 -10.91 32.12
CA ALA A 333 10.98 -11.82 31.01
C ALA A 333 12.39 -12.39 30.96
N GLY A 334 13.26 -11.90 31.84
CA GLY A 334 14.62 -12.41 31.88
C GLY A 334 15.62 -11.65 31.02
N PHE A 335 15.19 -10.54 30.43
CA PHE A 335 16.08 -9.75 29.61
C PHE A 335 16.83 -8.79 30.54
N LYS A 336 18.14 -8.96 30.71
CA LYS A 336 18.94 -8.11 31.60
C LYS A 336 20.28 -7.68 31.00
N ASP A 337 20.81 -6.57 31.50
CA ASP A 337 22.09 -6.08 31.02
C ASP A 337 23.19 -6.79 31.79
N VAL A 338 23.86 -7.73 31.14
CA VAL A 338 24.91 -8.50 31.77
C VAL A 338 26.32 -8.21 31.26
N ASN A 339 26.50 -7.08 30.56
CA ASN A 339 27.82 -6.70 30.07
C ASN A 339 28.11 -5.22 30.25
N GLY A 340 27.29 -4.58 31.09
CA GLY A 340 27.46 -3.17 31.39
C GLY A 340 27.34 -2.11 30.30
N ASP A 341 26.75 -2.45 29.15
CA ASP A 341 26.62 -1.46 28.09
C ASP A 341 25.32 -0.67 28.20
N GLY A 342 24.52 -0.95 29.22
CA GLY A 342 23.26 -0.25 29.40
C GLY A 342 22.10 -0.82 28.60
N PHE A 343 22.36 -1.86 27.83
CA PHE A 343 21.34 -2.47 27.03
C PHE A 343 21.08 -3.88 27.51
N VAL A 344 19.85 -4.32 27.40
CA VAL A 344 19.51 -5.66 27.85
C VAL A 344 19.97 -6.70 26.84
N GLU A 345 20.43 -7.84 27.34
CA GLU A 345 20.85 -8.97 26.51
C GLU A 345 19.68 -9.95 26.58
N THR A 346 19.68 -10.97 25.75
CA THR A 346 18.60 -11.94 25.78
C THR A 346 18.70 -12.77 27.06
N PRO A 347 17.63 -13.53 27.38
CA PRO A 347 17.65 -14.36 28.59
C PRO A 347 18.86 -15.32 28.63
N SER A 348 19.27 -15.83 27.46
CA SER A 348 20.42 -16.73 27.41
C SER A 348 21.75 -15.93 27.39
N GLY A 349 21.64 -14.64 27.69
CA GLY A 349 22.80 -13.77 27.74
C GLY A 349 23.44 -13.31 26.44
N LYS A 350 22.70 -13.40 25.34
CA LYS A 350 23.25 -13.01 24.05
C LYS A 350 23.00 -11.53 23.76
N SER A 351 23.99 -10.89 23.15
CA SER A 351 23.88 -9.47 22.82
C SER A 351 23.20 -9.29 21.48
N PHE A 352 22.52 -8.17 21.33
CA PHE A 352 21.86 -7.90 20.07
C PHE A 352 21.54 -6.42 19.89
N GLU A 353 21.55 -5.98 18.64
CA GLU A 353 21.24 -4.60 18.31
C GLU A 353 20.25 -4.71 17.17
N LEU A 354 19.03 -4.24 17.40
CA LEU A 354 18.00 -4.30 16.37
C LEU A 354 18.18 -3.22 15.32
N LEU A 355 18.30 -3.64 14.06
CA LEU A 355 18.44 -2.70 12.96
C LEU A 355 17.02 -2.40 12.51
N ILE A 356 16.55 -1.18 12.77
CA ILE A 356 15.22 -0.79 12.35
C ILE A 356 15.30 -0.13 10.97
N GLN A 357 14.63 -0.71 9.98
CA GLN A 357 14.69 -0.10 8.67
C GLN A 357 13.47 0.69 8.24
N SER A 358 13.72 1.73 7.42
CA SER A 358 12.65 2.57 6.87
C SER A 358 13.34 3.06 5.60
N PRO A 359 12.61 3.10 4.49
CA PRO A 359 13.18 3.55 3.21
C PRO A 359 13.84 4.93 3.16
N ASN A 360 14.99 4.97 2.49
CA ASN A 360 15.74 6.21 2.36
C ASN A 360 14.90 7.23 1.60
N GLY A 361 14.91 8.46 2.08
CA GLY A 361 14.14 9.52 1.45
C GLY A 361 12.79 9.77 2.11
N TRP A 362 12.24 8.75 2.76
CA TRP A 362 10.95 8.87 3.46
C TRP A 362 11.25 9.44 4.84
N THR A 363 11.68 10.71 4.86
CA THR A 363 12.06 11.40 6.09
C THR A 363 11.10 11.31 7.27
N ASP A 364 9.80 11.29 7.02
CA ASP A 364 8.86 11.17 8.12
C ASP A 364 9.03 9.83 8.81
N PHE A 365 9.29 8.78 8.03
CA PHE A 365 9.52 7.45 8.58
C PHE A 365 10.90 7.37 9.21
N ASN A 366 11.89 7.95 8.51
CA ASN A 366 13.26 7.96 9.02
C ASN A 366 13.32 8.62 10.39
N ASN A 367 12.65 9.75 10.55
CA ASN A 367 12.63 10.49 11.82
C ASN A 367 11.92 9.68 12.90
N THR A 368 10.89 8.94 12.50
CA THR A 368 10.14 8.11 13.44
C THR A 368 11.06 7.03 13.99
N VAL A 369 11.81 6.39 13.11
CA VAL A 369 12.74 5.34 13.53
C VAL A 369 13.75 5.87 14.53
N GLN A 370 14.37 7.00 14.23
CA GLN A 370 15.36 7.56 15.14
C GLN A 370 14.73 7.88 16.48
N LEU A 371 13.52 8.43 16.46
CA LEU A 371 12.86 8.75 17.71
C LEU A 371 12.64 7.46 18.48
N ALA A 372 12.29 6.40 17.76
CA ALA A 372 12.04 5.12 18.37
C ALA A 372 13.30 4.50 18.94
N VAL A 373 14.41 4.67 18.23
CA VAL A 373 15.68 4.13 18.72
C VAL A 373 16.00 4.76 20.07
N GLU A 374 15.82 6.07 20.16
CA GLU A 374 16.11 6.82 21.38
C GLU A 374 15.16 6.43 22.51
N GLN A 375 13.91 6.15 22.19
CA GLN A 375 12.94 5.77 23.20
C GLN A 375 13.23 4.35 23.70
N LEU A 376 13.72 3.51 22.81
CA LEU A 376 14.06 2.12 23.16
C LEU A 376 15.29 2.08 24.06
N GLN A 377 16.22 3.00 23.82
CA GLN A 377 17.42 3.06 24.64
C GLN A 377 17.03 3.30 26.09
N GLU A 378 15.98 4.07 26.29
CA GLU A 378 15.50 4.38 27.63
C GLU A 378 15.06 3.15 28.40
N VAL A 379 14.56 2.15 27.68
CA VAL A 379 14.13 0.94 28.34
C VAL A 379 15.21 -0.13 28.25
N GLY A 380 16.37 0.26 27.72
CA GLY A 380 17.48 -0.68 27.61
C GLY A 380 17.53 -1.55 26.37
N ILE A 381 16.71 -1.25 25.37
CA ILE A 381 16.73 -2.04 24.14
C ILE A 381 17.64 -1.37 23.12
N LYS A 382 18.67 -2.10 22.69
CA LYS A 382 19.62 -1.57 21.72
C LYS A 382 19.10 -1.62 20.29
N ALA A 383 19.08 -0.46 19.64
CA ALA A 383 18.61 -0.40 18.25
C ALA A 383 19.35 0.67 17.47
N LYS A 384 19.29 0.58 16.15
CA LYS A 384 19.94 1.54 15.27
C LYS A 384 19.11 1.76 14.02
N ALA A 385 18.94 3.03 13.65
CA ALA A 385 18.17 3.38 12.47
C ALA A 385 18.93 3.08 11.18
N ARG A 386 18.28 2.40 10.25
CA ARG A 386 18.87 2.07 8.95
C ARG A 386 17.91 2.60 7.89
N THR A 387 18.44 3.16 6.81
CA THR A 387 17.60 3.73 5.76
C THR A 387 17.91 3.22 4.37
N PRO A 388 17.82 1.90 4.14
CA PRO A 388 18.11 1.38 2.80
C PRO A 388 17.09 1.88 1.78
N GLU A 389 17.47 1.88 0.50
CA GLU A 389 16.58 2.31 -0.56
C GLU A 389 15.33 1.44 -0.47
N PHE A 390 14.21 1.92 -0.99
CA PHE A 390 12.98 1.14 -0.92
C PHE A 390 13.14 -0.29 -1.42
N ALA A 391 13.74 -0.46 -2.60
CA ALA A 391 13.97 -1.79 -3.18
C ALA A 391 14.63 -2.73 -2.18
N VAL A 392 15.72 -2.26 -1.58
CA VAL A 392 16.44 -3.06 -0.60
C VAL A 392 15.55 -3.33 0.62
N TYR A 393 14.95 -2.26 1.13
CA TYR A 393 14.04 -2.32 2.27
C TYR A 393 12.97 -3.38 2.02
N ASN A 394 12.35 -3.29 0.84
CA ASN A 394 11.30 -4.22 0.46
C ASN A 394 11.81 -5.65 0.32
N GLN A 395 12.97 -5.80 -0.32
CA GLN A 395 13.56 -7.12 -0.55
C GLN A 395 13.90 -7.84 0.75
N ALA A 396 14.56 -7.13 1.67
CA ALA A 396 14.95 -7.71 2.95
C ALA A 396 13.73 -8.28 3.66
N MET A 397 12.55 -7.80 3.32
CA MET A 397 11.33 -8.28 3.95
C MET A 397 10.77 -9.52 3.24
N LEU A 398 10.72 -9.50 1.92
CA LEU A 398 10.22 -10.65 1.16
C LEU A 398 11.13 -11.85 1.42
N GLU A 399 12.37 -11.58 1.78
CA GLU A 399 13.33 -12.65 2.04
C GLU A 399 13.59 -12.90 3.53
N GLY A 400 12.90 -12.14 4.38
CA GLY A 400 13.06 -12.30 5.82
C GLY A 400 14.44 -12.17 6.42
N THR A 401 15.22 -11.19 5.98
CA THR A 401 16.56 -10.98 6.52
C THR A 401 16.61 -9.73 7.39
N TYR A 402 15.54 -8.94 7.37
CA TYR A 402 15.49 -7.71 8.17
C TYR A 402 15.25 -8.03 9.64
N ASP A 403 15.35 -6.99 10.48
CA ASP A 403 15.11 -7.14 11.91
C ASP A 403 13.75 -6.57 12.25
N VAL A 404 13.64 -5.24 12.16
CA VAL A 404 12.42 -4.51 12.41
C VAL A 404 12.27 -3.47 11.31
N ALA A 405 11.04 -3.22 10.89
CA ALA A 405 10.78 -2.24 9.84
C ALA A 405 9.56 -1.42 10.18
N TYR A 406 9.63 -0.11 9.94
CA TYR A 406 8.48 0.74 10.19
C TYR A 406 7.84 0.83 8.82
N THR A 407 6.52 0.76 8.78
CA THR A 407 5.82 0.83 7.51
C THR A 407 4.38 1.25 7.70
N ASN A 408 3.76 1.62 6.60
CA ASN A 408 2.34 1.97 6.60
C ASN A 408 1.69 0.82 5.85
N TYR A 409 0.37 0.85 5.70
CA TYR A 409 -0.35 -0.20 5.00
C TYR A 409 -1.39 0.46 4.13
N PHE A 410 -2.04 -0.31 3.27
CA PHE A 410 -3.09 0.26 2.45
C PHE A 410 -4.32 0.28 3.36
N HIS A 411 -5.32 1.08 2.99
CA HIS A 411 -6.50 1.26 3.84
C HIS A 411 -7.79 1.22 3.06
N GLY A 412 -8.75 0.41 3.54
CA GLY A 412 -10.04 0.28 2.88
C GLY A 412 -11.20 0.86 3.68
N ALA A 413 -12.43 0.51 3.29
CA ALA A 413 -13.63 1.00 3.96
C ALA A 413 -13.88 0.29 5.29
N ASP A 414 -13.19 -0.82 5.50
CA ASP A 414 -13.29 -1.58 6.75
C ASP A 414 -11.91 -2.15 7.04
N PRO A 415 -11.73 -2.78 8.22
CA PRO A 415 -10.41 -3.34 8.55
C PRO A 415 -9.87 -4.51 7.76
N PHE A 416 -10.66 -5.08 6.87
CA PHE A 416 -10.20 -6.23 6.10
C PHE A 416 -8.93 -5.99 5.30
N THR A 417 -8.89 -4.92 4.50
CA THR A 417 -7.71 -4.62 3.69
C THR A 417 -6.46 -4.67 4.57
N TYR A 418 -6.54 -3.99 5.70
CA TYR A 418 -5.42 -3.95 6.64
C TYR A 418 -5.10 -5.33 7.22
N TRP A 419 -6.08 -5.96 7.85
CA TRP A 419 -5.84 -7.26 8.47
C TRP A 419 -5.43 -8.34 7.49
N ASN A 420 -6.11 -8.42 6.35
CA ASN A 420 -5.77 -9.43 5.37
C ASN A 420 -4.39 -9.22 4.74
N SER A 421 -4.13 -8.02 4.24
CA SER A 421 -2.86 -7.73 3.61
C SER A 421 -1.70 -7.77 4.62
N GLY A 422 -1.96 -7.42 5.86
CA GLY A 422 -0.90 -7.41 6.84
C GLY A 422 -0.73 -8.65 7.70
N TYR A 423 -1.52 -9.70 7.45
CA TYR A 423 -1.43 -10.90 8.28
C TYR A 423 -1.74 -12.24 7.62
N ASN A 424 -2.35 -12.24 6.44
CA ASN A 424 -2.66 -13.52 5.80
C ASN A 424 -1.38 -14.23 5.37
N SER A 425 -1.09 -15.38 6.00
CA SER A 425 0.12 -16.11 5.68
C SER A 425 0.21 -16.48 4.19
N ALA A 426 -0.92 -16.48 3.50
CA ALA A 426 -0.90 -16.82 2.07
C ALA A 426 -0.14 -15.74 1.30
N LEU A 427 -0.10 -14.53 1.86
CA LEU A 427 0.58 -13.41 1.22
C LEU A 427 2.03 -13.27 1.68
N GLN A 428 2.57 -14.30 2.33
CA GLN A 428 3.94 -14.25 2.81
C GLN A 428 4.92 -14.98 1.91
N SER A 429 4.40 -15.68 0.91
CA SER A 429 5.25 -16.41 -0.02
C SER A 429 4.95 -15.97 -1.43
N GLY A 430 5.87 -16.21 -2.34
CA GLY A 430 5.66 -15.83 -3.72
C GLY A 430 6.33 -14.52 -4.07
N ASP A 431 7.17 -14.55 -5.10
CA ASP A 431 7.86 -13.37 -5.56
C ASP A 431 6.81 -12.48 -6.20
N GLY A 432 6.93 -11.17 -6.07
CA GLY A 432 5.94 -10.30 -6.67
C GLY A 432 4.92 -9.77 -5.68
N MET A 433 4.94 -10.30 -4.47
CA MET A 433 4.02 -9.83 -3.43
C MET A 433 4.64 -8.71 -2.60
N PRO A 434 3.81 -7.78 -2.11
CA PRO A 434 4.31 -6.66 -1.30
C PRO A 434 4.89 -7.11 0.05
N ARG A 435 5.36 -6.14 0.82
CA ARG A 435 5.99 -6.37 2.13
C ARG A 435 5.05 -6.56 3.32
N PHE A 436 3.88 -5.96 3.23
CA PHE A 436 2.89 -5.97 4.32
C PHE A 436 2.68 -7.18 5.26
N ALA A 437 2.68 -8.40 4.75
CA ALA A 437 2.47 -9.54 5.64
C ALA A 437 3.78 -10.26 5.98
N MET A 438 4.89 -9.70 5.52
CA MET A 438 6.20 -10.33 5.73
C MET A 438 6.83 -10.22 7.11
N HIS A 439 6.08 -10.62 8.15
CA HIS A 439 6.63 -10.62 9.51
C HIS A 439 6.88 -12.08 9.85
N TYR A 440 6.24 -12.94 9.06
CA TYR A 440 6.38 -14.38 9.20
C TYR A 440 5.73 -15.08 10.39
N PHE A 441 4.77 -14.39 11.00
CA PHE A 441 4.01 -14.96 12.09
C PHE A 441 2.88 -15.69 11.37
N THR A 442 2.59 -16.92 11.74
CA THR A 442 1.51 -17.66 11.07
C THR A 442 0.58 -18.36 12.05
N ASP A 443 -0.70 -18.43 11.70
CA ASP A 443 -1.70 -19.05 12.54
C ASP A 443 -2.84 -19.55 11.66
N LYS A 444 -3.12 -20.85 11.73
CA LYS A 444 -4.18 -21.47 10.93
C LYS A 444 -5.54 -20.82 11.15
N LYS A 445 -5.90 -20.64 12.41
CA LYS A 445 -7.17 -20.03 12.75
C LYS A 445 -7.31 -18.61 12.22
N LEU A 446 -6.23 -17.83 12.31
CA LEU A 446 -6.27 -16.46 11.82
C LEU A 446 -6.53 -16.46 10.31
N ASP A 447 -5.78 -17.29 9.60
CA ASP A 447 -5.94 -17.41 8.15
C ASP A 447 -7.37 -17.83 7.84
N GLY A 448 -7.90 -18.77 8.61
CA GLY A 448 -9.26 -19.23 8.39
C GLY A 448 -10.29 -18.14 8.55
N LEU A 449 -10.17 -17.38 9.63
CA LEU A 449 -11.08 -16.28 9.89
C LEU A 449 -11.01 -15.26 8.76
N LEU A 450 -9.78 -14.89 8.41
CA LEU A 450 -9.56 -13.92 7.33
C LEU A 450 -10.23 -14.38 6.05
N ASP A 451 -9.90 -15.60 5.63
CA ASP A 451 -10.44 -16.17 4.40
C ASP A 451 -11.96 -16.40 4.46
N SER A 452 -12.53 -16.34 5.66
CA SER A 452 -13.97 -16.56 5.80
C SER A 452 -14.78 -15.26 5.81
N PHE A 453 -14.10 -14.13 5.99
CA PHE A 453 -14.77 -12.84 6.07
C PHE A 453 -15.77 -12.54 4.94
N TYR A 454 -15.39 -12.85 3.70
CA TYR A 454 -16.26 -12.59 2.57
C TYR A 454 -17.02 -13.83 2.06
N LYS A 455 -17.18 -14.80 2.95
CA LYS A 455 -17.91 -16.02 2.63
C LYS A 455 -19.36 -15.81 3.05
N THR A 456 -19.59 -14.74 3.80
CA THR A 456 -20.92 -14.40 4.28
C THR A 456 -21.26 -12.94 4.04
N ALA A 457 -22.56 -12.64 3.97
CA ALA A 457 -23.00 -11.27 3.75
C ALA A 457 -23.65 -10.77 5.03
N ASP A 458 -23.62 -11.60 6.06
CA ASP A 458 -24.22 -11.23 7.34
C ASP A 458 -23.24 -10.37 8.12
N LYS A 459 -23.54 -9.08 8.21
CA LYS A 459 -22.69 -8.13 8.92
C LYS A 459 -22.41 -8.52 10.36
N ASN A 460 -23.41 -9.09 11.03
CA ASN A 460 -23.24 -9.51 12.41
C ASN A 460 -22.29 -10.71 12.45
N GLU A 461 -22.31 -11.50 11.38
CA GLU A 461 -21.44 -12.66 11.27
C GLU A 461 -20.01 -12.17 10.97
N GLN A 462 -19.91 -11.12 10.15
CA GLN A 462 -18.62 -10.56 9.81
C GLN A 462 -18.01 -9.88 11.03
N LEU A 463 -18.85 -9.28 11.85
CA LEU A 463 -18.39 -8.62 13.07
C LEU A 463 -17.81 -9.68 14.02
N ALA A 464 -18.46 -10.83 14.08
CA ALA A 464 -18.03 -11.94 14.93
C ALA A 464 -16.66 -12.43 14.47
N ILE A 465 -16.47 -12.45 13.15
CA ILE A 465 -15.22 -12.89 12.54
C ILE A 465 -14.15 -11.85 12.87
N ALA A 466 -14.52 -10.57 12.73
CA ALA A 466 -13.60 -9.47 13.02
C ALA A 466 -13.08 -9.63 14.44
N HIS A 467 -14.00 -9.80 15.39
CA HIS A 467 -13.62 -9.96 16.80
C HIS A 467 -12.63 -11.10 16.98
N GLY A 468 -12.85 -12.19 16.27
CA GLY A 468 -11.94 -13.34 16.37
C GLY A 468 -10.56 -13.00 15.86
N ILE A 469 -10.50 -12.20 14.79
CA ILE A 469 -9.22 -11.80 14.21
C ILE A 469 -8.48 -10.89 15.18
N GLN A 470 -9.22 -9.91 15.71
CA GLN A 470 -8.70 -8.93 16.67
C GLN A 470 -7.95 -9.58 17.84
N LYS A 471 -8.63 -10.48 18.54
CA LYS A 471 -8.06 -11.21 19.68
C LYS A 471 -6.81 -12.02 19.40
N ILE A 472 -6.77 -12.68 18.25
CA ILE A 472 -5.61 -13.52 17.93
C ILE A 472 -4.37 -12.65 17.70
N ILE A 473 -4.53 -11.58 16.93
CA ILE A 473 -3.43 -10.69 16.63
C ILE A 473 -3.02 -9.91 17.88
N ALA A 474 -4.01 -9.42 18.62
CA ALA A 474 -3.75 -8.66 19.84
C ALA A 474 -3.04 -9.54 20.88
N GLU A 475 -3.52 -10.77 21.03
CA GLU A 475 -2.95 -11.70 21.99
C GLU A 475 -1.48 -12.01 21.71
N ASN A 476 -1.14 -12.09 20.44
CA ASN A 476 0.22 -12.37 20.03
C ASN A 476 1.06 -11.14 19.74
N GLN A 477 0.46 -9.95 19.88
CA GLN A 477 1.19 -8.70 19.62
C GLN A 477 2.08 -8.90 18.40
N VAL A 478 1.48 -9.35 17.30
CA VAL A 478 2.20 -9.63 16.06
C VAL A 478 3.10 -8.47 15.64
N THR A 479 2.54 -7.27 15.57
CA THR A 479 3.33 -6.09 15.22
C THR A 479 3.22 -5.08 16.35
N ILE A 480 3.89 -3.95 16.19
CA ILE A 480 3.83 -2.88 17.18
C ILE A 480 3.14 -1.68 16.54
N PRO A 481 1.80 -1.69 16.49
CA PRO A 481 1.07 -0.58 15.88
C PRO A 481 1.44 0.71 16.59
N VAL A 482 1.49 1.80 15.83
CA VAL A 482 1.89 3.09 16.37
C VAL A 482 0.89 4.22 16.15
N MET A 483 0.32 4.29 14.96
CA MET A 483 -0.60 5.36 14.64
C MET A 483 -1.41 5.05 13.39
N SER A 484 -2.33 5.95 13.09
CA SER A 484 -3.15 5.85 11.89
C SER A 484 -2.79 7.15 11.18
N GLY A 485 -2.23 7.04 9.99
CA GLY A 485 -1.82 8.23 9.26
C GLY A 485 -2.91 8.83 8.39
N ALA A 486 -2.51 9.43 7.28
CA ALA A 486 -3.46 10.05 6.37
C ALA A 486 -2.94 10.01 4.93
N TRP A 487 -3.86 10.14 3.98
CA TRP A 487 -3.49 10.15 2.58
C TRP A 487 -2.88 11.50 2.22
N MET A 488 -1.60 11.69 2.53
CA MET A 488 -0.95 12.97 2.19
C MET A 488 -1.27 13.29 0.74
N TYR A 489 -1.60 14.54 0.48
CA TYR A 489 -1.97 14.97 -0.85
C TYR A 489 -1.88 16.50 -0.98
N GLN A 490 -1.19 16.95 -2.01
CA GLN A 490 -1.03 18.38 -2.27
C GLN A 490 -1.36 18.66 -3.71
N TYR A 491 -2.16 19.71 -3.93
CA TYR A 491 -2.53 20.11 -5.27
C TYR A 491 -2.29 21.61 -5.49
N ASN A 492 -1.98 21.94 -6.74
CA ASN A 492 -1.70 23.32 -7.12
C ASN A 492 -2.80 23.78 -8.06
N THR A 493 -3.40 24.92 -7.76
CA THR A 493 -4.46 25.45 -8.59
C THR A 493 -3.92 26.42 -9.62
N THR A 494 -2.59 26.58 -9.66
CA THR A 494 -1.99 27.50 -10.61
C THR A 494 -2.32 27.14 -12.06
N ARG A 495 -2.23 25.85 -12.38
CA ARG A 495 -2.48 25.40 -13.75
C ARG A 495 -3.78 24.61 -14.01
N PHE A 496 -4.29 23.91 -13.01
CA PHE A 496 -5.52 23.13 -13.18
C PHE A 496 -6.51 23.30 -12.03
N THR A 497 -7.75 22.91 -12.28
CA THR A 497 -8.82 22.96 -11.28
C THR A 497 -9.58 21.63 -11.41
N GLY A 498 -10.53 21.39 -10.51
CA GLY A 498 -11.30 20.16 -10.52
C GLY A 498 -10.79 19.14 -9.51
N TRP A 499 -9.83 19.56 -8.69
CA TRP A 499 -9.23 18.69 -7.68
C TRP A 499 -10.19 18.23 -6.59
N TRP A 500 -9.88 17.07 -6.01
CA TRP A 500 -10.68 16.54 -4.93
C TRP A 500 -10.17 17.24 -3.67
N SER A 501 -11.06 17.50 -2.72
CA SER A 501 -10.66 18.18 -1.49
C SER A 501 -11.70 17.89 -0.42
N GLU A 502 -11.50 18.43 0.77
CA GLU A 502 -12.46 18.21 1.85
C GLU A 502 -13.82 18.73 1.41
N GLU A 503 -13.77 19.76 0.57
CA GLU A 503 -14.97 20.41 0.04
C GLU A 503 -15.57 19.64 -1.13
N ASN A 504 -14.73 18.87 -1.80
CA ASN A 504 -15.10 18.06 -2.94
C ASN A 504 -14.43 16.70 -2.73
N PRO A 505 -14.82 15.99 -1.66
CA PRO A 505 -14.30 14.69 -1.25
C PRO A 505 -14.79 13.49 -2.04
N LYS A 506 -14.46 13.46 -3.33
CA LYS A 506 -14.89 12.36 -4.19
C LYS A 506 -14.25 11.01 -3.86
N GLY A 507 -13.10 11.02 -3.19
CA GLY A 507 -12.47 9.75 -2.83
C GLY A 507 -11.02 9.92 -2.44
N ARG A 508 -10.31 8.81 -2.23
CA ARG A 508 -8.89 8.89 -1.87
C ARG A 508 -8.24 9.71 -2.97
N PRO A 509 -7.67 10.88 -2.62
CA PRO A 509 -6.99 11.84 -3.50
C PRO A 509 -5.56 11.53 -3.92
N SER A 510 -4.97 10.52 -3.30
CA SER A 510 -3.58 10.17 -3.59
C SER A 510 -3.28 9.91 -5.07
N VAL A 511 -2.02 10.14 -5.44
CA VAL A 511 -1.58 9.92 -6.81
C VAL A 511 -0.66 8.71 -6.86
N TRP A 512 -0.47 8.06 -5.71
CA TRP A 512 0.39 6.89 -5.62
C TRP A 512 -0.17 5.75 -6.46
N ALA A 513 0.72 4.92 -7.02
CA ALA A 513 0.28 3.75 -7.76
C ALA A 513 -0.36 2.93 -6.65
N GLY A 514 -1.40 2.17 -6.94
CA GLY A 514 -2.05 1.39 -5.89
C GLY A 514 -3.33 2.05 -5.41
N ILE A 515 -3.57 3.28 -5.88
CA ILE A 515 -4.78 4.00 -5.53
C ILE A 515 -5.42 4.24 -6.89
N PRO A 516 -6.11 3.22 -7.41
CA PRO A 516 -6.77 3.28 -8.71
C PRO A 516 -7.68 4.46 -8.94
N GLU A 517 -8.19 5.03 -7.85
CA GLU A 517 -9.06 6.18 -7.96
C GLU A 517 -8.33 7.36 -8.60
N ARG A 518 -7.01 7.26 -8.73
CA ARG A 518 -6.25 8.33 -9.33
C ARG A 518 -6.61 8.50 -10.80
N LEU A 519 -7.21 7.46 -11.40
CA LEU A 519 -7.64 7.51 -12.78
C LEU A 519 -8.87 8.40 -12.86
N LEU A 520 -9.78 8.22 -11.91
CA LEU A 520 -11.00 9.00 -11.84
C LEU A 520 -10.69 10.46 -11.52
N HIS A 521 -9.79 10.66 -10.56
CA HIS A 521 -9.38 11.99 -10.14
C HIS A 521 -8.80 12.79 -11.31
N VAL A 522 -7.83 12.22 -12.01
CA VAL A 522 -7.22 12.90 -13.13
C VAL A 522 -8.26 13.25 -14.22
N LEU A 523 -9.35 12.48 -14.29
CA LEU A 523 -10.39 12.73 -15.27
C LEU A 523 -11.35 13.85 -14.85
N ASP A 524 -11.13 14.40 -13.66
CA ASP A 524 -11.96 15.50 -13.14
C ASP A 524 -11.21 16.81 -13.31
N LEU A 525 -9.92 16.72 -13.62
CA LEU A 525 -9.10 17.91 -13.78
C LEU A 525 -9.25 18.59 -15.15
N LYS A 526 -9.03 19.90 -15.15
CA LYS A 526 -9.09 20.72 -16.35
C LYS A 526 -8.16 21.92 -16.16
N PRO A 527 -7.47 22.34 -17.23
CA PRO A 527 -6.58 23.50 -17.05
C PRO A 527 -7.36 24.77 -16.70
N VAL A 528 -6.71 25.68 -15.98
CA VAL A 528 -7.35 26.93 -15.60
C VAL A 528 -7.77 27.70 -16.86
N LYS A 529 -8.86 28.47 -16.76
CA LYS A 529 -9.33 29.24 -17.90
C LYS A 529 -8.80 30.66 -17.87
C1 NAG B . 3.23 3.69 -1.69
C2 NAG B . 3.36 3.95 -0.17
C3 NAG B . 3.66 5.44 0.13
C4 NAG B . 4.83 5.97 -0.72
C5 NAG B . 4.56 5.66 -2.21
C6 NAG B . 5.69 6.14 -3.15
C7 NAG B . 2.02 2.38 1.11
C8 NAG B . 0.67 2.07 1.76
N2 NAG B . 2.12 3.57 0.50
O1 NAG B . 3.16 2.32 -1.93
O3 NAG B . 3.99 5.56 1.51
O4 NAG B . 4.96 7.40 -0.59
O5 NAG B . 4.39 4.22 -2.39
O6 NAG B . 6.93 5.50 -2.82
O7 NAG B . 2.94 1.55 1.14
C1 NAG B . 5.94 7.93 0.23
C2 NAG B . 6.11 9.42 -0.09
C3 NAG B . 7.16 10.00 0.85
C4 NAG B . 6.68 9.81 2.31
C5 NAG B . 6.50 8.27 2.57
C6 NAG B . 6.00 7.93 3.97
C7 NAG B . 5.78 10.21 -2.39
C8 NAG B . 6.34 10.29 -3.80
N2 NAG B . 6.54 9.57 -1.48
O3 NAG B . 7.32 11.38 0.58
O4 NAG B . 7.67 10.36 3.22
O5 NAG B . 5.54 7.72 1.63
O6 NAG B . 4.84 8.67 4.32
O7 NAG B . 4.68 10.71 -2.14
MN MN C . 24.11 -5.24 27.87
#